data_7X66
#
_entry.id   7X66
#
_cell.length_a   86.240
_cell.length_b   146.470
_cell.length_c   145.970
_cell.angle_alpha   90.000
_cell.angle_beta   90.000
_cell.angle_gamma   90.000
#
_symmetry.space_group_name_H-M   'C 2 2 21'
#
loop_
_entity.id
_entity.type
_entity.pdbx_description
1 polymer 'BD-236 Fab heavy chain'
2 polymer 'BD-236 Fab light chain'
3 polymer 'Spike protein S1'
4 water water
#
loop_
_entity_poly.entity_id
_entity_poly.type
_entity_poly.pdbx_seq_one_letter_code
_entity_poly.pdbx_strand_id
1 'polypeptide(L)'
;EVQLVESGGGLIQPGGSLRLSCAASGITVGWNYMSWVRQAPGKGLEWVSVIYPGGSTDYADSVKGRFTISRDKSKNTLYL
QMNSLRAEDTAVYYCARDLGEAGGMDVWGQGTTVTVSSASTKGPSVFPLAPSSKSTSGGTAALGCLVKDYFPEPVTVSWN
SGALTSGVHTFPAVLQSSGLYSLSSVVTVPSSSLGTQTYICNVNHKPSNTKVDKKVEPKSCDK
;
H
2 'polypeptide(L)'
;AIQLTQSPSSLSASVGDRVTITCRASQGIPSSYLAWYQQKPGKAPKLLIYAASTLQSGVPSRFSGSGSGTDFTLTISSLQ
PEDFATYYCQQLNSYPPAFGGGTKVEIKRTVAAPSVFIFPPSDEQLKSGTASVVCLLNNFYPREAKVQWKVDNALQSGNS
QESVTEQDSKDSTYSLSSTLTLSKADYEKHKVYACEVTHQGLSSPVTKSFNRGEC
;
L
3 'polypeptide(L)'
;RVQPTESIVRFPNITNLCPFDEVFNATRFASVYAWNRKRISNCVADYSVLYNLAPFFTFKCYGVSPTKLNDLCFTNVYAD
SFVIRGDEVRQIAPGQTGNIADYNYKLPDDFTGCVIAWNSNKLDSKVSGNYNYLYRLFRKSNLKPFERDISTEIYQAGNK
PCNGVAGFNCYFPLRSYSFRPTYGVGHQPYRVVVLSFELLHAPATVCGPK
;
R
#
# COMPACT_ATOMS: atom_id res chain seq x y z
N GLU A 1 -14.45 21.19 2.49
CA GLU A 1 -15.44 20.90 1.47
C GLU A 1 -15.04 19.69 0.62
N VAL A 2 -13.73 19.49 0.46
CA VAL A 2 -13.21 18.49 -0.46
C VAL A 2 -13.30 17.12 0.22
N GLN A 3 -13.96 16.17 -0.44
CA GLN A 3 -14.09 14.84 0.14
C GLN A 3 -14.43 13.81 -0.93
N LEU A 4 -14.14 12.56 -0.58
CA LEU A 4 -14.51 11.39 -1.34
C LEU A 4 -15.29 10.47 -0.41
N VAL A 5 -16.52 10.15 -0.78
CA VAL A 5 -17.42 9.35 0.05
C VAL A 5 -17.64 8.02 -0.64
N GLU A 6 -17.23 6.94 0.01
CA GLU A 6 -17.31 5.60 -0.57
C GLU A 6 -18.54 4.84 -0.09
N SER A 7 -18.93 3.87 -0.91
CA SER A 7 -20.00 2.95 -0.55
C SER A 7 -19.84 1.68 -1.38
N GLY A 8 -20.57 0.63 -0.99
CA GLY A 8 -20.67 -0.57 -1.78
C GLY A 8 -19.93 -1.78 -1.24
N GLY A 9 -19.20 -1.64 -0.14
CA GLY A 9 -18.57 -2.79 0.46
C GLY A 9 -19.58 -3.69 1.14
N GLY A 10 -19.10 -4.83 1.59
CA GLY A 10 -19.94 -5.78 2.28
C GLY A 10 -19.33 -7.16 2.24
N LEU A 11 -20.17 -8.13 2.59
CA LEU A 11 -19.80 -9.53 2.78
C LEU A 11 -20.19 -10.32 1.54
N ILE A 12 -19.28 -11.15 1.03
CA ILE A 12 -19.53 -11.85 -0.23
C ILE A 12 -18.75 -13.16 -0.23
N GLN A 13 -19.32 -14.16 -0.93
CA GLN A 13 -18.77 -15.48 -1.17
C GLN A 13 -17.68 -15.41 -2.25
N PRO A 14 -16.66 -16.27 -2.17
CA PRO A 14 -15.67 -16.32 -3.26
C PRO A 14 -16.35 -16.63 -4.59
N GLY A 15 -15.87 -15.98 -5.64
CA GLY A 15 -16.50 -16.09 -6.94
C GLY A 15 -17.58 -15.07 -7.21
N GLY A 16 -18.06 -14.35 -6.17
CA GLY A 16 -19.09 -13.34 -6.35
C GLY A 16 -18.55 -12.02 -6.86
N SER A 17 -19.47 -11.05 -6.97
CA SER A 17 -19.14 -9.72 -7.51
C SER A 17 -19.68 -8.61 -6.59
N LEU A 18 -18.93 -7.52 -6.51
CA LEU A 18 -19.32 -6.32 -5.78
C LEU A 18 -18.92 -5.10 -6.60
N ARG A 19 -19.62 -4.00 -6.42
CA ARG A 19 -19.24 -2.74 -7.02
C ARG A 19 -19.04 -1.70 -5.93
N LEU A 20 -17.89 -1.04 -5.96
CA LEU A 20 -17.58 0.05 -5.05
C LEU A 20 -17.79 1.37 -5.77
N SER A 21 -18.28 2.33 -5.02
CA SER A 21 -18.55 3.68 -5.49
C SER A 21 -17.74 4.66 -4.66
N CYS A 22 -17.33 5.76 -5.31
CA CYS A 22 -16.56 6.82 -4.67
C CYS A 22 -17.07 8.15 -5.25
N ALA A 23 -18.05 8.74 -4.57
CA ALA A 23 -18.62 10.03 -4.96
C ALA A 23 -17.70 11.16 -4.52
N ALA A 24 -17.48 12.13 -5.41
CA ALA A 24 -16.49 13.15 -5.16
C ALA A 24 -17.13 14.53 -4.99
N SER A 25 -16.46 15.38 -4.19
CA SER A 25 -16.83 16.79 -4.10
C SER A 25 -15.57 17.61 -3.91
N GLY A 26 -15.40 18.63 -4.74
CA GLY A 26 -14.25 19.50 -4.66
C GLY A 26 -13.12 19.13 -5.60
N ILE A 27 -13.18 17.97 -6.23
CA ILE A 27 -12.29 17.59 -7.31
C ILE A 27 -13.16 17.04 -8.43
N THR A 28 -12.64 17.07 -9.65
CA THR A 28 -13.39 16.60 -10.81
C THR A 28 -12.79 15.26 -11.22
N VAL A 29 -13.57 14.19 -11.02
CA VAL A 29 -13.06 12.83 -11.20
C VAL A 29 -12.48 12.67 -12.61
N GLY A 30 -13.21 13.14 -13.62
CA GLY A 30 -12.79 12.95 -15.00
C GLY A 30 -11.53 13.69 -15.36
N TRP A 31 -11.11 14.65 -14.54
CA TRP A 31 -9.92 15.46 -14.81
C TRP A 31 -8.72 15.04 -13.96
N ASN A 32 -8.78 13.93 -13.25
CA ASN A 32 -7.71 13.54 -12.35
C ASN A 32 -7.31 12.09 -12.58
N TYR A 33 -6.07 11.78 -12.18
CA TYR A 33 -5.70 10.40 -11.90
C TYR A 33 -6.42 9.96 -10.64
N MET A 34 -7.29 8.97 -10.74
CA MET A 34 -7.99 8.45 -9.59
C MET A 34 -7.58 7.02 -9.34
N SER A 35 -7.20 6.72 -8.10
CA SER A 35 -6.68 5.41 -7.72
C SER A 35 -7.56 4.75 -6.67
N TRP A 36 -7.48 3.44 -6.63
CA TRP A 36 -8.01 2.62 -5.55
C TRP A 36 -6.85 1.90 -4.88
N VAL A 37 -6.85 1.93 -3.54
CA VAL A 37 -5.82 1.39 -2.68
C VAL A 37 -6.47 0.55 -1.57
N ARG A 38 -5.88 -0.57 -1.23
CA ARG A 38 -6.52 -1.44 -0.26
C ARG A 38 -5.56 -1.82 0.87
N GLN A 39 -6.15 -2.24 1.99
CA GLN A 39 -5.41 -2.54 3.21
C GLN A 39 -6.06 -3.75 3.88
N ALA A 40 -5.38 -4.88 3.80
CA ALA A 40 -5.88 -6.07 4.44
C ALA A 40 -5.73 -5.95 5.97
N PRO A 41 -6.61 -6.64 6.72
CA PRO A 41 -6.55 -6.58 8.20
C PRO A 41 -5.15 -6.79 8.75
N GLY A 42 -4.64 -5.85 9.53
CA GLY A 42 -3.31 -6.00 10.09
C GLY A 42 -2.16 -5.77 9.13
N LYS A 43 -2.41 -5.29 7.91
CA LYS A 43 -1.35 -5.17 6.92
C LYS A 43 -1.14 -3.71 6.53
N GLY A 44 -0.25 -3.51 5.56
CA GLY A 44 0.03 -2.20 5.01
C GLY A 44 -0.84 -1.87 3.81
N LEU A 45 -0.38 -0.93 3.01
CA LEU A 45 -1.15 -0.42 1.88
C LEU A 45 -0.74 -1.08 0.58
N GLU A 46 -1.72 -1.41 -0.27
CA GLU A 46 -1.47 -2.04 -1.57
C GLU A 46 -2.28 -1.33 -2.64
N TRP A 47 -1.59 -0.73 -3.60
CA TRP A 47 -2.28 -0.08 -4.71
C TRP A 47 -3.04 -1.12 -5.52
N VAL A 48 -4.20 -0.74 -6.02
CA VAL A 48 -5.12 -1.65 -6.71
C VAL A 48 -5.29 -1.25 -8.17
N SER A 49 -5.63 0.00 -8.43
CA SER A 49 -5.94 0.37 -9.80
C SER A 49 -5.90 1.87 -9.96
N VAL A 50 -5.79 2.31 -11.22
CA VAL A 50 -5.80 3.73 -11.55
C VAL A 50 -6.53 3.97 -12.86
N ILE A 51 -7.24 5.11 -12.94
CA ILE A 51 -7.76 5.62 -14.19
C ILE A 51 -7.23 7.04 -14.41
N TYR A 52 -6.64 7.28 -15.59
CA TYR A 52 -5.98 8.53 -15.98
C TYR A 52 -7.01 9.58 -16.37
N PRO A 53 -6.64 10.87 -16.38
CA PRO A 53 -7.59 11.87 -16.89
C PRO A 53 -8.10 11.55 -18.28
N GLY A 54 -7.22 11.09 -19.18
CA GLY A 54 -7.62 10.78 -20.53
C GLY A 54 -8.29 9.45 -20.74
N GLY A 55 -8.41 8.62 -19.69
CA GLY A 55 -9.19 7.39 -19.75
C GLY A 55 -8.41 6.09 -19.69
N SER A 56 -7.09 6.11 -19.88
CA SER A 56 -6.33 4.88 -19.75
C SER A 56 -6.43 4.35 -18.32
N THR A 57 -6.30 3.03 -18.18
CA THR A 57 -6.43 2.36 -16.89
C THR A 57 -5.24 1.44 -16.65
N ASP A 58 -4.99 1.16 -15.37
CA ASP A 58 -3.94 0.22 -14.99
C ASP A 58 -4.34 -0.51 -13.70
N TYR A 59 -3.77 -1.71 -13.51
CA TYR A 59 -4.17 -2.61 -12.42
C TYR A 59 -2.95 -3.31 -11.83
N ALA A 60 -3.03 -3.56 -10.52
CA ALA A 60 -2.10 -4.50 -9.92
C ALA A 60 -2.27 -5.87 -10.56
N ASP A 61 -1.17 -6.62 -10.63
CA ASP A 61 -1.19 -7.90 -11.32
C ASP A 61 -2.16 -8.87 -10.66
N SER A 62 -2.30 -8.82 -9.34
CA SER A 62 -3.10 -9.78 -8.59
C SER A 62 -4.60 -9.61 -8.84
N VAL A 63 -4.96 -8.65 -9.67
CA VAL A 63 -6.33 -8.21 -9.79
C VAL A 63 -6.75 -8.17 -11.26
N LYS A 64 -5.77 -8.29 -12.16
CA LYS A 64 -6.04 -8.20 -13.59
C LYS A 64 -7.03 -9.27 -14.03
N GLY A 65 -7.87 -8.92 -15.00
CA GLY A 65 -8.91 -9.80 -15.49
C GLY A 65 -10.11 -9.96 -14.58
N ARG A 66 -10.06 -9.44 -13.35
CA ARG A 66 -11.16 -9.60 -12.39
C ARG A 66 -11.81 -8.27 -12.02
N PHE A 67 -11.02 -7.22 -11.88
CA PHE A 67 -11.46 -5.91 -11.43
C PHE A 67 -11.45 -4.94 -12.61
N THR A 68 -12.32 -3.95 -12.56
CA THR A 68 -12.42 -2.95 -13.61
C THR A 68 -12.74 -1.61 -13.00
N ILE A 69 -11.86 -0.65 -13.19
CA ILE A 69 -12.08 0.72 -12.72
C ILE A 69 -12.85 1.46 -13.81
N SER A 70 -13.69 2.39 -13.40
CA SER A 70 -14.43 3.21 -14.36
C SER A 70 -14.92 4.48 -13.67
N ARG A 71 -15.58 5.34 -14.44
CA ARG A 71 -16.10 6.59 -13.88
C ARG A 71 -17.35 7.03 -14.62
N ASP A 72 -18.18 7.78 -13.91
CA ASP A 72 -19.37 8.45 -14.44
C ASP A 72 -19.17 9.95 -14.21
N LYS A 73 -18.78 10.65 -15.27
CA LYS A 73 -18.50 12.07 -15.13
C LYS A 73 -19.74 12.85 -14.76
N SER A 74 -20.91 12.43 -15.25
CA SER A 74 -22.12 13.17 -14.94
C SER A 74 -22.43 13.12 -13.45
N LYS A 75 -22.18 11.98 -12.82
CA LYS A 75 -22.37 11.85 -11.38
C LYS A 75 -21.11 12.20 -10.58
N ASN A 76 -20.03 12.61 -11.26
CA ASN A 76 -18.72 12.85 -10.64
C ASN A 76 -18.32 11.72 -9.68
N THR A 77 -18.49 10.48 -10.14
CA THR A 77 -18.27 9.32 -9.29
C THR A 77 -17.29 8.35 -9.95
N LEU A 78 -16.40 7.78 -9.12
CA LEU A 78 -15.48 6.70 -9.47
C LEU A 78 -16.05 5.36 -9.05
N TYR A 79 -15.75 4.30 -9.82
CA TYR A 79 -16.26 2.98 -9.50
C TYR A 79 -15.16 1.94 -9.62
N LEU A 80 -15.33 0.87 -8.86
CA LEU A 80 -14.53 -0.33 -9.03
C LEU A 80 -15.45 -1.55 -9.07
N GLN A 81 -15.52 -2.22 -10.21
CA GLN A 81 -16.27 -3.46 -10.36
C GLN A 81 -15.37 -4.65 -10.05
N MET A 82 -15.77 -5.50 -9.10
CA MET A 82 -14.92 -6.58 -8.60
C MET A 82 -15.62 -7.91 -8.83
N ASN A 83 -15.13 -8.67 -9.81
CA ASN A 83 -15.65 -9.99 -10.14
C ASN A 83 -14.70 -11.08 -9.68
N SER A 84 -15.22 -12.30 -9.59
CA SER A 84 -14.41 -13.47 -9.26
C SER A 84 -13.59 -13.21 -8.01
N LEU A 85 -14.26 -12.74 -6.96
CA LEU A 85 -13.58 -12.30 -5.76
C LEU A 85 -12.97 -13.49 -5.03
N ARG A 86 -11.84 -13.24 -4.38
CA ARG A 86 -11.14 -14.26 -3.63
C ARG A 86 -11.00 -13.81 -2.18
N ALA A 87 -10.74 -14.78 -1.29
CA ALA A 87 -10.58 -14.48 0.12
C ALA A 87 -9.47 -13.45 0.37
N GLU A 88 -8.39 -13.50 -0.42
CA GLU A 88 -7.29 -12.56 -0.29
C GLU A 88 -7.69 -11.12 -0.62
N ASP A 89 -8.82 -10.90 -1.33
CA ASP A 89 -9.31 -9.55 -1.63
C ASP A 89 -9.95 -8.87 -0.41
N THR A 90 -10.07 -9.57 0.71
CA THR A 90 -10.60 -8.98 1.93
C THR A 90 -9.71 -7.83 2.37
N ALA A 91 -10.29 -6.64 2.50
CA ALA A 91 -9.51 -5.46 2.83
C ALA A 91 -10.46 -4.29 3.04
N VAL A 92 -9.94 -3.23 3.66
CA VAL A 92 -10.54 -1.91 3.52
C VAL A 92 -10.09 -1.32 2.19
N TYR A 93 -11.04 -0.83 1.40
CA TYR A 93 -10.76 -0.21 0.12
C TYR A 93 -10.94 1.30 0.22
N TYR A 94 -9.92 2.04 -0.20
CA TYR A 94 -9.94 3.49 -0.29
C TYR A 94 -9.85 3.92 -1.74
N CYS A 95 -10.61 4.94 -2.10
CA CYS A 95 -10.30 5.71 -3.29
C CYS A 95 -9.47 6.93 -2.91
N ALA A 96 -8.68 7.43 -3.86
CA ALA A 96 -7.88 8.60 -3.61
C ALA A 96 -7.54 9.30 -4.92
N ARG A 97 -7.26 10.60 -4.81
CA ARG A 97 -6.84 11.40 -5.95
C ARG A 97 -5.32 11.47 -5.98
N ASP A 98 -4.73 11.11 -7.12
CA ASP A 98 -3.29 11.04 -7.21
C ASP A 98 -2.77 12.25 -7.98
N LEU A 99 -1.87 13.00 -7.35
CA LEU A 99 -1.16 14.07 -8.02
C LEU A 99 0.29 13.71 -8.37
N GLY A 100 0.72 12.49 -8.08
CA GLY A 100 2.06 12.05 -8.48
C GLY A 100 3.15 12.93 -7.88
N GLU A 101 4.10 13.34 -8.70
CA GLU A 101 5.17 14.18 -8.18
C GLU A 101 4.69 15.58 -7.83
N ALA A 102 3.50 15.99 -8.30
CA ALA A 102 2.95 17.32 -8.07
C ALA A 102 2.19 17.46 -6.74
N GLY A 103 2.03 16.37 -5.99
CA GLY A 103 1.27 16.34 -4.75
C GLY A 103 1.09 14.87 -4.46
N GLY A 104 0.86 14.46 -3.24
CA GLY A 104 0.85 13.02 -3.08
C GLY A 104 -0.46 12.42 -3.53
N MET A 105 -0.91 11.39 -2.82
CA MET A 105 -2.34 11.10 -2.77
C MET A 105 -2.89 12.02 -1.68
N ASP A 106 -3.37 13.20 -2.07
CA ASP A 106 -3.68 14.23 -1.10
C ASP A 106 -5.09 14.10 -0.54
N VAL A 107 -6.02 13.53 -1.31
CA VAL A 107 -7.42 13.37 -0.89
C VAL A 107 -7.77 11.89 -0.90
N TRP A 108 -8.31 11.41 0.22
CA TRP A 108 -8.64 10.01 0.45
C TRP A 108 -10.10 9.87 0.82
N GLY A 109 -10.71 8.72 0.46
CA GLY A 109 -12.03 8.38 0.96
C GLY A 109 -11.98 7.85 2.39
N GLN A 110 -13.16 7.66 3.00
CA GLN A 110 -13.19 7.14 4.36
C GLN A 110 -12.94 5.65 4.41
N GLY A 111 -12.99 4.96 3.28
CA GLY A 111 -12.81 3.52 3.24
C GLY A 111 -14.12 2.76 3.27
N THR A 112 -14.20 1.64 2.57
CA THR A 112 -15.33 0.73 2.67
C THR A 112 -14.77 -0.68 2.81
N THR A 113 -15.39 -1.49 3.64
CA THR A 113 -14.81 -2.78 3.99
C THR A 113 -15.38 -3.88 3.10
N VAL A 114 -14.49 -4.72 2.58
CA VAL A 114 -14.86 -5.86 1.75
C VAL A 114 -14.40 -7.13 2.48
N THR A 115 -15.34 -8.02 2.76
CA THR A 115 -15.03 -9.32 3.35
C THR A 115 -15.45 -10.40 2.37
N VAL A 116 -14.49 -11.26 1.99
CA VAL A 116 -14.74 -12.36 1.05
C VAL A 116 -14.47 -13.66 1.78
N SER A 117 -15.52 -14.44 1.98
CA SER A 117 -15.40 -15.66 2.77
C SER A 117 -16.50 -16.62 2.38
N SER A 118 -16.19 -17.90 2.48
CA SER A 118 -17.18 -18.96 2.37
C SER A 118 -17.74 -19.42 3.72
N ALA A 119 -17.34 -18.79 4.82
CA ALA A 119 -17.87 -19.19 6.13
C ALA A 119 -19.35 -18.78 6.25
N SER A 120 -20.09 -19.58 6.99
CA SER A 120 -21.46 -19.23 7.37
C SER A 120 -21.44 -18.28 8.57
N THR A 121 -22.37 -17.32 8.55
CA THR A 121 -22.62 -16.49 9.72
C THR A 121 -23.00 -17.37 10.91
N LYS A 122 -22.36 -17.12 12.05
CA LYS A 122 -22.52 -17.99 13.21
C LYS A 122 -22.29 -17.21 14.49
N GLY A 123 -23.14 -17.41 15.48
CA GLY A 123 -22.95 -16.81 16.78
C GLY A 123 -21.86 -17.52 17.58
N PRO A 124 -21.17 -16.79 18.44
CA PRO A 124 -20.06 -17.40 19.19
C PRO A 124 -20.56 -18.34 20.29
N SER A 125 -19.70 -19.31 20.65
CA SER A 125 -19.78 -19.99 21.93
C SER A 125 -18.95 -19.22 22.94
N VAL A 126 -19.45 -19.08 24.17
CA VAL A 126 -18.77 -18.32 25.22
C VAL A 126 -18.39 -19.27 26.34
N PHE A 127 -17.09 -19.43 26.59
CA PHE A 127 -16.59 -20.33 27.61
C PHE A 127 -15.88 -19.55 28.72
N PRO A 128 -15.95 -19.98 29.97
CA PRO A 128 -15.27 -19.24 31.05
C PRO A 128 -13.78 -19.51 31.10
N LEU A 129 -13.01 -18.48 31.40
CA LEU A 129 -11.62 -18.61 31.82
C LEU A 129 -11.64 -18.39 33.33
N ALA A 130 -11.73 -19.49 34.07
CA ALA A 130 -12.07 -19.47 35.48
C ALA A 130 -10.86 -19.08 36.31
N PRO A 131 -11.04 -18.28 37.36
CA PRO A 131 -9.89 -17.85 38.16
C PRO A 131 -9.16 -19.06 38.72
N SER A 132 -7.84 -18.97 38.74
CA SER A 132 -7.03 -20.05 39.28
C SER A 132 -7.19 -20.12 40.80
N SER A 133 -7.10 -21.35 41.32
CA SER A 133 -7.14 -21.58 42.76
C SER A 133 -5.85 -21.12 43.45
N LYS A 134 -4.68 -21.40 42.87
CA LYS A 134 -3.42 -21.03 43.50
C LYS A 134 -3.21 -19.52 43.50
N GLY A 139 -2.97 -9.80 46.78
CA GLY A 139 -3.26 -10.82 45.78
C GLY A 139 -4.21 -10.31 44.71
N THR A 140 -3.77 -10.42 43.46
CA THR A 140 -4.60 -10.09 42.31
C THR A 140 -4.87 -11.36 41.52
N ALA A 141 -6.11 -11.57 41.12
CA ALA A 141 -6.50 -12.72 40.32
C ALA A 141 -6.93 -12.27 38.93
N ALA A 142 -6.93 -13.21 37.99
CA ALA A 142 -7.36 -12.92 36.63
C ALA A 142 -8.42 -13.92 36.19
N LEU A 143 -9.44 -13.41 35.48
CA LEU A 143 -10.52 -14.26 34.98
C LEU A 143 -10.96 -13.71 33.62
N GLY A 144 -11.73 -14.50 32.87
CA GLY A 144 -12.19 -13.98 31.59
C GLY A 144 -13.23 -14.84 30.93
N CYS A 145 -13.47 -14.53 29.65
CA CYS A 145 -14.37 -15.26 28.75
C CYS A 145 -13.69 -15.48 27.41
N LEU A 146 -13.79 -16.70 26.89
CA LEU A 146 -13.32 -17.04 25.55
C LEU A 146 -14.51 -17.10 24.60
N VAL A 147 -14.51 -16.21 23.62
CA VAL A 147 -15.61 -16.01 22.69
C VAL A 147 -15.19 -16.63 21.36
N LYS A 148 -15.70 -17.81 21.05
CA LYS A 148 -15.10 -18.67 20.05
C LYS A 148 -16.04 -18.99 18.89
N ASP A 149 -15.47 -19.06 17.69
CA ASP A 149 -16.11 -19.63 16.51
C ASP A 149 -17.36 -18.83 16.09
N TYR A 150 -17.15 -17.56 15.77
CA TYR A 150 -18.21 -16.70 15.29
C TYR A 150 -17.82 -16.10 13.94
N PHE A 151 -18.81 -15.58 13.21
CA PHE A 151 -18.58 -14.96 11.91
C PHE A 151 -19.83 -14.17 11.53
N PRO A 152 -19.66 -12.96 10.96
CA PRO A 152 -18.38 -12.26 10.82
C PRO A 152 -18.10 -11.35 12.02
N GLU A 153 -17.05 -10.53 11.97
CA GLU A 153 -16.88 -9.44 12.94
C GLU A 153 -18.03 -8.46 12.79
N PRO A 154 -18.35 -7.67 13.83
CA PRO A 154 -17.70 -7.62 15.14
C PRO A 154 -18.51 -8.27 16.24
N VAL A 155 -17.87 -8.37 17.39
CA VAL A 155 -18.50 -8.81 18.62
C VAL A 155 -18.20 -7.76 19.68
N THR A 156 -19.16 -7.51 20.57
CA THR A 156 -18.91 -6.62 21.71
C THR A 156 -18.96 -7.41 23.01
N VAL A 157 -18.17 -6.97 23.99
CA VAL A 157 -18.08 -7.61 25.31
C VAL A 157 -18.09 -6.54 26.39
N SER A 158 -18.91 -6.75 27.41
CA SER A 158 -18.89 -5.92 28.61
C SER A 158 -18.88 -6.82 29.83
N TRP A 159 -18.65 -6.25 31.01
CA TRP A 159 -18.61 -7.05 32.23
C TRP A 159 -19.58 -6.48 33.27
N ASN A 160 -20.39 -7.36 33.84
CA ASN A 160 -21.39 -7.00 34.82
C ASN A 160 -22.22 -5.82 34.30
N SER A 161 -22.62 -5.94 33.04
CA SER A 161 -23.53 -4.98 32.40
C SER A 161 -22.95 -3.57 32.40
N GLY A 162 -21.64 -3.43 32.29
CA GLY A 162 -21.02 -2.13 32.29
C GLY A 162 -20.52 -1.64 33.64
N ALA A 163 -20.86 -2.32 34.74
CA ALA A 163 -20.43 -1.84 36.05
C ALA A 163 -18.96 -2.15 36.34
N LEU A 164 -18.35 -3.08 35.61
CA LEU A 164 -16.94 -3.46 35.77
C LEU A 164 -16.18 -3.06 34.52
N THR A 165 -15.31 -2.05 34.63
CA THR A 165 -14.56 -1.55 33.49
C THR A 165 -13.06 -1.46 33.76
N SER A 166 -12.68 -1.32 35.02
CA SER A 166 -11.27 -1.21 35.39
C SER A 166 -10.56 -2.56 35.26
N GLY A 167 -9.40 -2.57 34.60
CA GLY A 167 -8.63 -3.79 34.47
C GLY A 167 -9.07 -4.75 33.39
N VAL A 168 -10.03 -4.38 32.54
CA VAL A 168 -10.54 -5.27 31.49
C VAL A 168 -9.67 -5.11 30.24
N HIS A 169 -9.30 -6.24 29.63
CA HIS A 169 -8.65 -6.27 28.33
C HIS A 169 -9.44 -7.16 27.39
N THR A 170 -10.05 -6.58 26.37
CA THR A 170 -10.74 -7.33 25.35
C THR A 170 -9.84 -7.35 24.13
N PHE A 171 -9.33 -8.54 23.78
CA PHE A 171 -8.27 -8.64 22.80
C PHE A 171 -8.82 -8.63 21.38
N PRO A 172 -8.01 -8.21 20.41
CA PRO A 172 -8.46 -8.28 19.01
C PRO A 172 -8.64 -9.72 18.56
N ALA A 173 -9.71 -9.97 17.82
CA ALA A 173 -10.04 -11.32 17.40
C ALA A 173 -8.94 -11.87 16.49
N VAL A 174 -8.77 -13.19 16.52
CA VAL A 174 -7.92 -13.87 15.56
C VAL A 174 -8.81 -14.65 14.62
N LEU A 175 -8.35 -14.83 13.39
CA LEU A 175 -9.07 -15.57 12.37
C LEU A 175 -8.49 -16.98 12.32
N GLN A 176 -9.27 -17.96 12.75
CA GLN A 176 -8.80 -19.34 12.76
C GLN A 176 -8.80 -19.93 11.36
N SER A 177 -8.06 -21.02 11.21
CA SER A 177 -7.98 -21.60 9.88
C SER A 177 -9.30 -22.17 9.42
N SER A 178 -10.27 -22.31 10.32
CA SER A 178 -11.63 -22.67 9.94
C SER A 178 -12.36 -21.53 9.24
N GLY A 179 -11.80 -20.33 9.21
CA GLY A 179 -12.55 -19.20 8.74
C GLY A 179 -13.46 -18.55 9.77
N LEU A 180 -13.45 -19.01 11.02
CA LEU A 180 -14.23 -18.41 12.09
C LEU A 180 -13.30 -17.63 13.02
N TYR A 181 -13.84 -16.55 13.59
CA TYR A 181 -13.10 -15.69 14.51
C TYR A 181 -13.15 -16.23 15.94
N SER A 182 -12.18 -15.81 16.74
CA SER A 182 -12.10 -16.15 18.15
C SER A 182 -11.44 -14.98 18.88
N LEU A 183 -11.90 -14.67 20.09
CA LEU A 183 -11.22 -13.69 20.92
C LEU A 183 -11.41 -14.00 22.40
N SER A 184 -10.63 -13.31 23.24
CA SER A 184 -10.75 -13.42 24.68
C SER A 184 -10.91 -12.03 25.31
N SER A 185 -11.62 -12.02 26.44
CA SER A 185 -11.79 -10.81 27.25
C SER A 185 -11.45 -11.18 28.69
N VAL A 186 -10.55 -10.44 29.32
CA VAL A 186 -10.04 -10.78 30.64
C VAL A 186 -10.14 -9.56 31.55
N VAL A 187 -10.06 -9.83 32.85
CA VAL A 187 -10.12 -8.78 33.85
C VAL A 187 -9.37 -9.27 35.09
N THR A 188 -8.58 -8.38 35.70
CA THR A 188 -7.88 -8.66 36.95
C THR A 188 -8.69 -8.05 38.09
N VAL A 189 -8.95 -8.86 39.11
CA VAL A 189 -9.77 -8.44 40.25
C VAL A 189 -9.06 -8.79 41.56
N PRO A 190 -9.48 -8.27 42.70
CA PRO A 190 -8.86 -8.72 43.96
C PRO A 190 -9.24 -10.15 44.25
N SER A 191 -8.23 -10.94 44.67
CA SER A 191 -8.48 -12.35 44.99
C SER A 191 -9.54 -12.51 46.07
N SER A 192 -9.56 -11.59 47.04
CA SER A 192 -10.53 -11.63 48.13
C SER A 192 -11.96 -11.58 47.62
N SER A 193 -12.20 -11.01 46.45
CA SER A 193 -13.54 -10.91 45.93
C SER A 193 -14.03 -12.21 45.33
N LEU A 194 -13.16 -13.21 45.19
CA LEU A 194 -13.48 -14.37 44.36
C LEU A 194 -14.67 -15.14 44.91
N GLY A 195 -14.74 -15.31 46.23
CA GLY A 195 -15.88 -16.03 46.76
C GLY A 195 -17.18 -15.26 46.85
N THR A 196 -17.15 -13.93 46.71
CA THR A 196 -18.30 -13.11 47.03
C THR A 196 -18.85 -12.27 45.88
N GLN A 197 -18.02 -11.83 44.94
CA GLN A 197 -18.50 -10.94 43.87
C GLN A 197 -18.80 -11.75 42.62
N THR A 198 -19.96 -11.47 42.02
CA THR A 198 -20.38 -12.14 40.80
C THR A 198 -19.71 -11.50 39.58
N TYR A 199 -19.14 -12.34 38.71
CA TYR A 199 -18.47 -11.86 37.48
C TYR A 199 -19.16 -12.47 36.25
N ILE A 200 -19.79 -11.62 35.45
CA ILE A 200 -20.54 -12.06 34.28
C ILE A 200 -20.05 -11.27 33.08
N CYS A 201 -19.75 -11.97 31.99
CA CYS A 201 -19.40 -11.31 30.75
C CYS A 201 -20.62 -11.31 29.82
N ASN A 202 -20.91 -10.14 29.24
CA ASN A 202 -22.05 -9.91 28.36
C ASN A 202 -21.52 -9.79 26.93
N VAL A 203 -21.86 -10.77 26.09
CA VAL A 203 -21.34 -10.91 24.75
C VAL A 203 -22.45 -10.70 23.74
N ASN A 204 -22.21 -9.84 22.76
CA ASN A 204 -23.20 -9.47 21.76
C ASN A 204 -22.63 -9.69 20.36
N HIS A 205 -23.39 -10.39 19.51
CA HIS A 205 -23.03 -10.63 18.10
C HIS A 205 -24.30 -10.34 17.29
N LYS A 206 -24.40 -9.09 16.81
CA LYS A 206 -25.59 -8.66 16.10
C LYS A 206 -25.87 -9.46 14.83
N PRO A 207 -24.88 -9.81 14.00
CA PRO A 207 -25.22 -10.50 12.74
C PRO A 207 -26.00 -11.79 12.93
N SER A 208 -25.80 -12.49 14.05
CA SER A 208 -26.55 -13.71 14.35
C SER A 208 -27.61 -13.50 15.42
N ASN A 209 -27.88 -12.25 15.80
CA ASN A 209 -28.83 -11.97 16.88
C ASN A 209 -28.49 -12.75 18.15
N THR A 210 -27.19 -12.88 18.45
CA THR A 210 -26.77 -13.64 19.62
C THR A 210 -26.46 -12.70 20.76
N LYS A 211 -27.00 -13.01 21.94
CA LYS A 211 -26.74 -12.29 23.18
C LYS A 211 -26.50 -13.33 24.26
N VAL A 212 -25.28 -13.42 24.78
CA VAL A 212 -24.92 -14.42 25.78
C VAL A 212 -24.42 -13.74 27.05
N ASP A 213 -24.95 -14.13 28.20
CA ASP A 213 -24.36 -13.75 29.48
C ASP A 213 -23.73 -15.00 30.09
N LYS A 214 -22.44 -14.91 30.39
CA LYS A 214 -21.70 -16.05 30.93
C LYS A 214 -21.21 -15.69 32.32
N LYS A 215 -21.70 -16.42 33.31
CA LYS A 215 -21.17 -16.30 34.67
C LYS A 215 -19.83 -17.03 34.74
N VAL A 216 -18.83 -16.35 35.27
CA VAL A 216 -17.49 -16.91 35.44
C VAL A 216 -17.21 -17.03 36.94
N GLU A 217 -16.94 -18.24 37.41
CA GLU A 217 -16.73 -18.46 38.83
C GLU A 217 -15.64 -19.49 39.07
N PRO A 218 -15.03 -19.49 40.26
CA PRO A 218 -13.90 -20.40 40.51
C PRO A 218 -14.31 -21.86 40.40
N LYS A 219 -13.38 -22.68 39.92
CA LYS A 219 -13.66 -24.09 39.71
C LYS A 219 -13.34 -24.93 40.95
N ALA B 1 11.51 -3.41 -10.52
CA ALA B 1 10.76 -2.39 -9.81
C ALA B 1 11.57 -1.89 -8.61
N ILE B 2 10.93 -1.08 -7.76
CA ILE B 2 11.57 -0.48 -6.59
C ILE B 2 10.97 -1.13 -5.34
N GLN B 3 11.81 -1.41 -4.35
CA GLN B 3 11.33 -1.81 -3.03
C GLN B 3 11.74 -0.74 -2.03
N LEU B 4 10.82 -0.37 -1.13
CA LEU B 4 11.08 0.63 -0.10
C LEU B 4 11.10 -0.07 1.24
N THR B 5 12.16 0.14 2.02
CA THR B 5 12.33 -0.49 3.33
C THR B 5 12.35 0.58 4.41
N GLN B 6 11.45 0.47 5.38
CA GLN B 6 11.31 1.46 6.43
C GLN B 6 12.04 1.04 7.70
N SER B 7 12.51 2.02 8.45
CA SER B 7 13.35 1.76 9.60
C SER B 7 13.21 2.86 10.64
N PRO B 8 13.02 2.52 11.91
CA PRO B 8 12.83 1.16 12.43
C PRO B 8 11.37 0.68 12.31
N SER B 9 11.17 -0.62 12.52
CA SER B 9 9.82 -1.18 12.49
C SER B 9 8.91 -0.50 13.50
N SER B 10 9.42 -0.25 14.70
CA SER B 10 8.68 0.57 15.66
C SER B 10 9.68 1.33 16.50
N LEU B 11 9.26 2.47 17.02
CA LEU B 11 10.17 3.23 17.85
C LEU B 11 9.41 3.84 19.00
N SER B 12 10.06 3.90 20.15
CA SER B 12 9.43 4.41 21.36
C SER B 12 9.99 5.79 21.66
N ALA B 13 9.10 6.72 21.96
CA ALA B 13 9.52 8.10 22.17
C ALA B 13 8.63 8.72 23.24
N SER B 14 9.08 9.84 23.77
CA SER B 14 8.30 10.64 24.71
C SER B 14 8.00 12.00 24.10
N VAL B 15 6.94 12.61 24.62
CA VAL B 15 6.51 13.94 24.17
C VAL B 15 7.69 14.91 24.29
N GLY B 16 7.94 15.66 23.22
CA GLY B 16 9.05 16.59 23.18
C GLY B 16 10.30 16.05 22.51
N ASP B 17 10.36 14.74 22.25
CA ASP B 17 11.53 14.15 21.61
C ASP B 17 11.67 14.59 20.15
N ARG B 18 12.92 14.65 19.69
CA ARG B 18 13.20 14.71 18.26
C ARG B 18 13.23 13.28 17.71
N VAL B 19 12.38 13.00 16.73
CA VAL B 19 12.17 11.64 16.20
C VAL B 19 12.45 11.65 14.70
N THR B 20 13.23 10.67 14.23
CA THR B 20 13.61 10.56 12.81
C THR B 20 13.30 9.18 12.28
N ILE B 21 12.57 9.11 11.16
CA ILE B 21 12.14 7.88 10.52
C ILE B 21 12.78 7.80 9.15
N THR B 22 13.26 6.61 8.78
CA THR B 22 14.03 6.42 7.56
C THR B 22 13.31 5.52 6.56
N CYS B 23 13.36 5.91 5.30
CA CYS B 23 12.86 5.12 4.18
C CYS B 23 14.00 4.90 3.20
N ARG B 24 14.24 3.64 2.83
CA ARG B 24 15.37 3.27 2.00
C ARG B 24 14.88 2.60 0.73
N ALA B 25 15.21 3.18 -0.43
CA ALA B 25 14.80 2.62 -1.72
C ALA B 25 15.85 1.65 -2.23
N SER B 26 15.40 0.64 -2.97
CA SER B 26 16.28 -0.41 -3.43
C SER B 26 17.18 0.03 -4.58
N GLN B 27 16.81 1.09 -5.32
CA GLN B 27 17.62 1.32 -6.50
C GLN B 27 18.09 2.76 -6.65
N GLY B 28 17.29 3.74 -6.25
CA GLY B 28 17.72 5.12 -6.46
C GLY B 28 16.81 5.91 -7.37
N ILE B 29 16.15 6.93 -6.81
CA ILE B 29 15.04 7.60 -7.48
C ILE B 29 15.14 9.10 -7.24
N PRO B 30 14.47 9.89 -8.07
CA PRO B 30 14.40 11.34 -7.79
C PRO B 30 13.76 11.58 -6.43
N SER B 31 14.27 12.61 -5.74
CA SER B 31 13.68 13.01 -4.49
C SER B 31 12.21 13.43 -4.65
N SER B 32 11.84 13.88 -5.84
CA SER B 32 10.47 14.31 -6.05
C SER B 32 9.50 13.15 -6.20
N TYR B 33 9.98 11.91 -6.10
CA TYR B 33 9.12 10.73 -6.23
C TYR B 33 8.84 10.03 -4.89
N LEU B 34 8.96 10.72 -3.77
CA LEU B 34 8.66 10.08 -2.50
C LEU B 34 7.65 10.89 -1.69
N ALA B 35 6.77 10.17 -1.00
CA ALA B 35 5.75 10.80 -0.18
C ALA B 35 5.68 10.10 1.17
N TRP B 36 5.17 10.82 2.18
CA TRP B 36 5.02 10.30 3.53
C TRP B 36 3.58 10.45 3.99
N TYR B 37 3.06 9.40 4.63
CA TYR B 37 1.69 9.39 5.11
C TYR B 37 1.64 8.98 6.58
N GLN B 38 0.62 9.47 7.27
CA GLN B 38 0.34 9.11 8.66
C GLN B 38 -0.97 8.32 8.72
N GLN B 39 -1.02 7.25 9.51
CA GLN B 39 -2.27 6.53 9.70
C GLN B 39 -2.45 6.15 11.16
N LYS B 40 -3.67 6.38 11.66
CA LYS B 40 -4.05 5.99 13.01
C LYS B 40 -5.07 4.87 12.93
N PRO B 41 -5.18 4.05 13.99
CA PRO B 41 -6.03 2.85 13.89
C PRO B 41 -7.45 3.20 13.49
N GLY B 42 -7.97 2.46 12.51
CA GLY B 42 -9.32 2.67 12.05
C GLY B 42 -9.54 3.89 11.18
N LYS B 43 -8.47 4.48 10.63
CA LYS B 43 -8.56 5.74 9.93
C LYS B 43 -7.87 5.65 8.56
N ALA B 44 -8.33 6.47 7.63
CA ALA B 44 -7.66 6.56 6.35
C ALA B 44 -6.28 7.19 6.51
N PRO B 45 -5.33 6.83 5.65
CA PRO B 45 -4.03 7.51 5.67
C PRO B 45 -4.21 8.98 5.34
N LYS B 46 -3.29 9.80 5.85
CA LYS B 46 -3.29 11.24 5.65
C LYS B 46 -1.93 11.66 5.09
N LEU B 47 -1.95 12.45 4.02
CA LEU B 47 -0.70 12.89 3.38
C LEU B 47 0.02 13.90 4.27
N LEU B 48 1.33 13.68 4.46
CA LEU B 48 2.17 14.59 5.24
C LEU B 48 3.14 15.37 4.38
N ILE B 49 3.92 14.67 3.57
CA ILE B 49 5.00 15.25 2.79
C ILE B 49 5.01 14.58 1.42
N TYR B 50 5.13 15.37 0.36
CA TYR B 50 5.36 14.82 -0.97
C TYR B 50 6.63 15.43 -1.55
N ALA B 51 7.16 14.79 -2.60
CA ALA B 51 8.45 15.20 -3.17
C ALA B 51 9.52 15.36 -2.09
N ALA B 52 9.45 14.49 -1.10
CA ALA B 52 10.43 14.23 -0.05
C ALA B 52 10.63 15.36 0.94
N SER B 53 10.28 16.59 0.59
CA SER B 53 10.47 17.70 1.53
C SER B 53 9.35 18.73 1.54
N THR B 54 8.40 18.68 0.61
CA THR B 54 7.33 19.68 0.60
C THR B 54 6.28 19.33 1.64
N LEU B 55 6.09 20.23 2.59
CA LEU B 55 5.11 20.05 3.65
C LEU B 55 3.71 20.28 3.11
N GLN B 56 2.87 19.26 3.17
CA GLN B 56 1.49 19.38 2.70
C GLN B 56 0.76 20.45 3.51
N SER B 57 -0.10 21.19 2.82
CA SER B 57 -0.84 22.27 3.47
C SER B 57 -1.60 21.77 4.71
N GLY B 58 -1.50 22.54 5.79
CA GLY B 58 -2.22 22.22 7.00
C GLY B 58 -1.54 21.26 7.96
N VAL B 59 -0.31 20.84 7.67
CA VAL B 59 0.42 19.90 8.52
C VAL B 59 1.40 20.70 9.37
N PRO B 60 1.46 20.46 10.69
CA PRO B 60 2.26 21.33 11.54
C PRO B 60 3.72 21.33 11.11
N SER B 61 4.36 22.47 11.28
CA SER B 61 5.73 22.67 10.80
C SER B 61 6.75 21.79 11.51
N ARG B 62 6.41 21.17 12.63
CA ARG B 62 7.37 20.28 13.26
C ARG B 62 7.63 19.03 12.42
N PHE B 63 6.86 18.81 11.35
CA PHE B 63 7.13 17.73 10.40
C PHE B 63 8.02 18.24 9.28
N SER B 64 8.98 17.41 8.89
CA SER B 64 9.90 17.75 7.80
C SER B 64 10.44 16.47 7.19
N GLY B 65 10.91 16.60 5.96
CA GLY B 65 11.48 15.46 5.25
C GLY B 65 12.74 15.87 4.50
N SER B 66 13.54 14.87 4.16
CA SER B 66 14.74 15.09 3.37
C SER B 66 15.17 13.79 2.73
N GLY B 67 16.06 13.89 1.74
CA GLY B 67 16.68 12.74 1.12
C GLY B 67 16.63 12.70 -0.40
N SER B 68 17.58 11.97 -0.99
CA SER B 68 17.58 11.72 -2.42
C SER B 68 18.37 10.45 -2.71
N GLY B 69 18.15 9.89 -3.90
CA GLY B 69 18.80 8.64 -4.22
C GLY B 69 18.08 7.46 -3.59
N THR B 70 18.67 6.88 -2.53
CA THR B 70 18.11 5.69 -1.89
C THR B 70 17.71 5.92 -0.44
N ASP B 71 18.05 7.06 0.15
CA ASP B 71 17.88 7.24 1.59
C ASP B 71 17.06 8.48 1.88
N PHE B 72 15.89 8.28 2.49
CA PHE B 72 14.96 9.35 2.74
C PHE B 72 14.61 9.37 4.22
N THR B 73 14.22 10.55 4.69
CA THR B 73 14.06 10.77 6.11
C THR B 73 12.79 11.58 6.36
N LEU B 74 12.06 11.20 7.41
CA LEU B 74 10.99 12.01 7.98
C LEU B 74 11.36 12.32 9.42
N THR B 75 11.30 13.60 9.80
CA THR B 75 11.68 14.03 11.13
C THR B 75 10.53 14.79 11.79
N ILE B 76 10.30 14.53 13.08
CA ILE B 76 9.40 15.33 13.89
C ILE B 76 10.23 16.00 14.98
N SER B 77 10.29 17.33 14.93
CA SER B 77 11.26 18.06 15.76
C SER B 77 10.92 17.99 17.23
N SER B 78 9.64 18.07 17.58
CA SER B 78 9.22 17.97 18.99
C SER B 78 7.92 17.18 19.03
N LEU B 79 7.99 15.93 19.46
CA LEU B 79 6.84 15.03 19.38
C LEU B 79 5.71 15.50 20.27
N GLN B 80 4.49 15.53 19.72
CA GLN B 80 3.28 15.86 20.46
C GLN B 80 2.44 14.61 20.67
N PRO B 81 1.51 14.62 21.63
CA PRO B 81 0.72 13.40 21.89
C PRO B 81 -0.04 12.91 20.67
N GLU B 82 -0.53 13.82 19.83
CA GLU B 82 -1.28 13.39 18.65
C GLU B 82 -0.38 12.79 17.57
N ASP B 83 0.95 12.88 17.70
CA ASP B 83 1.84 12.33 16.69
C ASP B 83 2.01 10.83 16.82
N PHE B 84 1.52 10.22 17.89
CA PHE B 84 1.72 8.79 18.07
C PHE B 84 0.81 8.06 17.10
N ALA B 85 1.42 7.29 16.20
CA ALA B 85 0.76 6.81 14.99
C ALA B 85 1.74 5.96 14.19
N THR B 86 1.26 5.46 13.06
CA THR B 86 2.06 4.70 12.11
C THR B 86 2.36 5.58 10.90
N TYR B 87 3.55 5.42 10.34
CA TYR B 87 4.02 6.23 9.21
C TYR B 87 4.44 5.34 8.04
N TYR B 88 3.97 5.68 6.84
CA TYR B 88 4.33 4.97 5.62
C TYR B 88 4.99 5.91 4.63
N CYS B 89 5.98 5.39 3.89
CA CYS B 89 6.51 6.10 2.75
C CYS B 89 5.99 5.46 1.46
N GLN B 90 5.93 6.26 0.39
CA GLN B 90 5.41 5.78 -0.90
C GLN B 90 6.23 6.34 -2.05
N GLN B 91 6.41 5.51 -3.08
CA GLN B 91 7.01 5.94 -4.34
C GLN B 91 5.94 6.55 -5.26
N LEU B 92 6.23 7.72 -5.80
CA LEU B 92 5.31 8.41 -6.70
C LEU B 92 5.66 8.16 -8.16
N ASN B 93 4.75 8.60 -9.04
CA ASN B 93 4.96 8.66 -10.49
C ASN B 93 5.29 7.30 -11.07
N SER B 94 4.63 6.27 -10.53
CA SER B 94 4.87 4.90 -10.95
C SER B 94 3.62 4.09 -10.68
N TYR B 95 3.27 3.19 -11.61
CA TYR B 95 2.18 2.24 -11.42
C TYR B 95 2.67 0.84 -11.76
N PRO B 96 2.67 -0.11 -10.82
CA PRO B 96 2.28 0.06 -9.41
C PRO B 96 3.33 0.80 -8.58
N PRO B 97 2.88 1.60 -7.60
CA PRO B 97 3.81 2.19 -6.63
C PRO B 97 4.17 1.25 -5.49
N ALA B 98 5.43 1.33 -5.07
CA ALA B 98 5.89 0.68 -3.86
C ALA B 98 5.44 1.45 -2.63
N PHE B 99 5.09 0.72 -1.57
CA PHE B 99 4.89 1.30 -0.24
C PHE B 99 5.88 0.68 0.72
N GLY B 100 6.41 1.49 1.64
CA GLY B 100 7.18 0.93 2.75
C GLY B 100 6.29 0.16 3.71
N GLY B 101 6.92 -0.67 4.53
CA GLY B 101 6.14 -1.49 5.44
C GLY B 101 5.62 -0.79 6.67
N GLY B 102 6.04 0.45 6.90
CA GLY B 102 5.44 1.22 7.96
C GLY B 102 6.35 1.34 9.17
N THR B 103 6.21 2.47 9.90
CA THR B 103 6.89 2.67 11.16
C THR B 103 5.87 3.15 12.18
N LYS B 104 5.74 2.42 13.29
CA LYS B 104 4.81 2.75 14.35
C LYS B 104 5.56 3.50 15.44
N VAL B 105 5.16 4.74 15.68
CA VAL B 105 5.71 5.52 16.77
C VAL B 105 4.87 5.28 18.03
N GLU B 106 5.55 4.94 19.11
CA GLU B 106 4.92 4.37 20.30
C GLU B 106 5.44 5.09 21.54
N ILE B 107 4.67 5.01 22.64
CA ILE B 107 4.91 5.79 23.85
C ILE B 107 5.89 5.09 24.78
N LYS B 108 6.95 5.79 25.17
CA LYS B 108 7.95 5.26 26.09
C LYS B 108 7.49 5.32 27.55
N ARG B 109 7.83 4.28 28.32
CA ARG B 109 7.59 4.27 29.77
C ARG B 109 8.55 3.27 30.40
N THR B 110 8.51 3.19 31.73
CA THR B 110 9.46 2.29 32.41
C THR B 110 9.12 0.83 32.09
N VAL B 111 10.15 -0.01 32.19
CA VAL B 111 9.94 -1.44 31.99
C VAL B 111 8.97 -1.95 33.04
N ALA B 112 8.01 -2.77 32.62
CA ALA B 112 7.14 -3.47 33.55
C ALA B 112 7.00 -4.93 33.12
N ALA B 113 7.32 -5.84 34.02
CA ALA B 113 7.20 -7.26 33.72
C ALA B 113 5.73 -7.65 33.58
N PRO B 114 5.42 -8.62 32.73
CA PRO B 114 4.05 -9.15 32.71
C PRO B 114 3.74 -9.92 33.98
N SER B 115 2.49 -9.81 34.42
CA SER B 115 1.90 -10.87 35.23
C SER B 115 1.29 -11.92 34.29
N VAL B 116 1.60 -13.19 34.55
CA VAL B 116 1.28 -14.29 33.65
C VAL B 116 0.23 -15.20 34.29
N PHE B 117 -0.75 -15.60 33.48
CA PHE B 117 -1.81 -16.50 33.90
C PHE B 117 -2.09 -17.53 32.80
N ILE B 118 -2.42 -18.75 33.21
CA ILE B 118 -2.81 -19.81 32.27
C ILE B 118 -4.19 -20.32 32.66
N PHE B 119 -5.00 -20.63 31.65
CA PHE B 119 -6.37 -21.10 31.84
C PHE B 119 -6.55 -22.41 31.10
N PRO B 120 -6.91 -23.49 31.80
CA PRO B 120 -7.28 -24.76 31.12
C PRO B 120 -8.59 -24.63 30.35
N PRO B 121 -8.87 -25.57 29.44
CA PRO B 121 -10.18 -25.58 28.78
C PRO B 121 -11.29 -25.82 29.79
N SER B 122 -12.42 -25.16 29.58
CA SER B 122 -13.57 -25.38 30.44
C SER B 122 -14.16 -26.75 30.17
N ASP B 123 -14.82 -27.32 31.19
CA ASP B 123 -15.51 -28.59 30.95
C ASP B 123 -16.55 -28.44 29.86
N GLU B 124 -17.22 -27.29 29.78
CA GLU B 124 -18.25 -27.10 28.77
C GLU B 124 -17.67 -27.20 27.37
N GLN B 125 -16.49 -26.61 27.12
CA GLN B 125 -15.87 -26.72 25.81
C GLN B 125 -15.50 -28.15 25.47
N LEU B 126 -14.99 -28.90 26.46
CA LEU B 126 -14.51 -30.26 26.21
C LEU B 126 -15.63 -31.16 25.73
N LYS B 127 -16.85 -30.92 26.22
CA LYS B 127 -18.00 -31.73 25.79
C LYS B 127 -18.15 -31.76 24.28
N SER B 128 -17.77 -30.68 23.60
CA SER B 128 -17.94 -30.56 22.15
C SER B 128 -16.71 -30.97 21.36
N GLY B 129 -15.69 -31.52 22.01
CA GLY B 129 -14.61 -32.13 21.28
C GLY B 129 -13.40 -31.26 20.96
N THR B 130 -13.33 -30.05 21.50
CA THR B 130 -12.15 -29.22 21.31
C THR B 130 -11.70 -28.66 22.64
N ALA B 131 -10.39 -28.41 22.76
CA ALA B 131 -9.77 -27.89 23.97
C ALA B 131 -8.98 -26.64 23.64
N SER B 132 -9.33 -25.52 24.25
CA SER B 132 -8.59 -24.29 24.06
C SER B 132 -7.84 -23.96 25.35
N VAL B 133 -6.52 -23.77 25.27
CA VAL B 133 -5.71 -23.38 26.43
C VAL B 133 -5.22 -21.96 26.21
N VAL B 134 -5.43 -21.10 27.19
CA VAL B 134 -5.17 -19.68 27.04
C VAL B 134 -4.09 -19.24 28.01
N CYS B 135 -3.12 -18.47 27.51
CA CYS B 135 -2.08 -17.84 28.31
C CYS B 135 -2.22 -16.33 28.20
N LEU B 136 -2.25 -15.64 29.35
CA LEU B 136 -2.44 -14.20 29.40
C LEU B 136 -1.20 -13.51 29.97
N LEU B 137 -0.68 -12.52 29.24
CA LEU B 137 0.40 -11.65 29.69
C LEU B 137 -0.17 -10.26 29.89
N ASN B 138 -0.17 -9.77 31.14
CA ASN B 138 -0.93 -8.60 31.52
C ASN B 138 -0.04 -7.41 31.89
N ASN B 139 -0.31 -6.27 31.26
CA ASN B 139 0.25 -4.95 31.60
C ASN B 139 1.80 -4.98 31.65
N PHE B 140 2.40 -5.20 30.50
CA PHE B 140 3.85 -5.19 30.39
C PHE B 140 4.31 -4.12 29.41
N TYR B 141 5.60 -3.81 29.48
CA TYR B 141 6.29 -2.89 28.60
C TYR B 141 7.78 -3.21 28.66
N PRO B 142 8.51 -3.22 27.53
CA PRO B 142 8.11 -2.95 26.14
C PRO B 142 7.30 -4.07 25.50
N ARG B 143 6.90 -3.85 24.24
CA ARG B 143 5.98 -4.73 23.55
C ARG B 143 6.57 -6.13 23.32
N GLU B 144 7.87 -6.23 23.04
CA GLU B 144 8.46 -7.53 22.72
C GLU B 144 8.32 -8.52 23.87
N ALA B 145 7.79 -9.70 23.55
CA ALA B 145 7.69 -10.81 24.47
C ALA B 145 7.66 -12.10 23.65
N LYS B 146 8.08 -13.19 24.27
CA LYS B 146 8.05 -14.51 23.65
C LYS B 146 7.21 -15.44 24.51
N VAL B 147 6.20 -16.05 23.90
CA VAL B 147 5.35 -17.04 24.57
C VAL B 147 5.67 -18.41 23.98
N GLN B 148 6.09 -19.35 24.81
CA GLN B 148 6.41 -20.69 24.35
C GLN B 148 5.46 -21.69 25.00
N TRP B 149 4.65 -22.36 24.17
CA TRP B 149 3.78 -23.41 24.67
C TRP B 149 4.55 -24.71 24.80
N LYS B 150 4.28 -25.44 25.86
CA LYS B 150 4.96 -26.69 26.11
C LYS B 150 3.94 -27.70 26.59
N VAL B 151 3.90 -28.86 25.92
CA VAL B 151 2.98 -29.94 26.27
C VAL B 151 3.84 -31.14 26.64
N ASP B 152 3.82 -31.52 27.92
CA ASP B 152 4.68 -32.59 28.44
C ASP B 152 6.13 -32.36 28.02
N ASN B 153 6.55 -31.09 28.08
CA ASN B 153 7.89 -30.59 27.77
C ASN B 153 8.20 -30.56 26.27
N ALA B 154 7.27 -30.97 25.41
CA ALA B 154 7.45 -30.85 23.98
C ALA B 154 7.05 -29.44 23.55
N LEU B 155 7.98 -28.74 22.91
CA LEU B 155 7.71 -27.39 22.40
C LEU B 155 6.67 -27.45 21.29
N GLN B 156 5.63 -26.64 21.43
CA GLN B 156 4.48 -26.67 20.53
C GLN B 156 4.64 -25.63 19.42
N SER B 157 4.47 -26.07 18.18
CA SER B 157 4.62 -25.18 17.04
C SER B 157 3.47 -25.39 16.07
N GLY B 158 2.95 -24.28 15.56
CA GLY B 158 1.98 -24.33 14.49
C GLY B 158 0.56 -24.60 14.91
N ASN B 159 0.28 -24.63 16.22
CA ASN B 159 -1.09 -24.80 16.71
C ASN B 159 -1.48 -23.74 17.73
N SER B 160 -0.93 -22.52 17.62
CA SER B 160 -1.29 -21.45 18.54
C SER B 160 -1.44 -20.14 17.78
N GLN B 161 -2.24 -19.24 18.33
CA GLN B 161 -2.46 -17.91 17.78
C GLN B 161 -2.48 -16.90 18.92
N GLU B 162 -1.99 -15.69 18.66
CA GLU B 162 -1.94 -14.67 19.68
C GLU B 162 -2.39 -13.31 19.15
N SER B 163 -2.70 -12.43 20.07
CA SER B 163 -3.27 -11.12 19.79
C SER B 163 -2.82 -10.18 20.90
N VAL B 164 -2.56 -8.92 20.55
CA VAL B 164 -2.02 -7.93 21.46
C VAL B 164 -2.93 -6.71 21.45
N THR B 165 -3.12 -6.10 22.61
CA THR B 165 -3.89 -4.88 22.69
C THR B 165 -3.04 -3.70 22.26
N GLU B 166 -3.72 -2.58 21.99
CA GLU B 166 -3.00 -1.34 21.79
C GLU B 166 -2.51 -0.82 23.15
N GLN B 167 -1.55 0.10 23.10
CA GLN B 167 -0.99 0.64 24.34
C GLN B 167 -2.11 1.25 25.18
N ASP B 168 -2.15 0.87 26.45
CA ASP B 168 -3.21 1.36 27.33
C ASP B 168 -3.15 2.88 27.49
N SER B 169 -4.32 3.53 27.38
CA SER B 169 -4.38 4.99 27.43
C SER B 169 -3.97 5.55 28.80
N LYS B 170 -3.96 4.75 29.87
CA LYS B 170 -3.62 5.29 31.17
C LYS B 170 -2.20 4.94 31.61
N ASP B 171 -1.76 3.71 31.40
CA ASP B 171 -0.44 3.31 31.87
C ASP B 171 0.51 2.89 30.75
N SER B 172 0.08 2.99 29.49
CA SER B 172 0.94 2.80 28.33
C SER B 172 1.54 1.39 28.25
N THR B 173 0.91 0.41 28.90
CA THR B 173 1.36 -0.98 28.83
C THR B 173 0.66 -1.72 27.70
N TYR B 174 1.12 -2.96 27.45
CA TYR B 174 0.48 -3.89 26.54
C TYR B 174 -0.02 -5.11 27.30
N SER B 175 -0.94 -5.83 26.68
CA SER B 175 -1.38 -7.11 27.18
C SER B 175 -1.47 -8.04 25.98
N LEU B 176 -1.29 -9.33 26.23
CA LEU B 176 -1.21 -10.33 25.17
C LEU B 176 -1.93 -11.59 25.64
N SER B 177 -2.77 -12.15 24.76
CA SER B 177 -3.40 -13.44 24.99
C SER B 177 -2.98 -14.40 23.89
N SER B 178 -2.58 -15.61 24.27
CA SER B 178 -2.21 -16.67 23.34
C SER B 178 -3.12 -17.87 23.57
N THR B 179 -3.54 -18.51 22.48
CA THR B 179 -4.49 -19.63 22.53
C THR B 179 -3.91 -20.84 21.83
N LEU B 180 -3.77 -21.93 22.56
CA LEU B 180 -3.32 -23.18 22.02
C LEU B 180 -4.53 -24.09 21.86
N THR B 181 -4.72 -24.62 20.64
CA THR B 181 -5.91 -25.38 20.28
C THR B 181 -5.55 -26.82 19.97
N LEU B 182 -6.22 -27.74 20.66
CA LEU B 182 -6.08 -29.15 20.40
C LEU B 182 -7.47 -29.77 20.32
N SER B 183 -7.57 -30.87 19.57
CA SER B 183 -8.76 -31.71 19.70
C SER B 183 -8.84 -32.28 21.12
N LYS B 184 -10.04 -32.69 21.52
CA LYS B 184 -10.19 -33.31 22.83
C LYS B 184 -9.34 -34.57 22.94
N ALA B 185 -9.30 -35.39 21.88
CA ALA B 185 -8.50 -36.61 21.94
C ALA B 185 -7.02 -36.29 22.18
N ASP B 186 -6.50 -35.27 21.48
CA ASP B 186 -5.13 -34.81 21.72
C ASP B 186 -4.94 -34.40 23.17
N TYR B 187 -5.85 -33.54 23.65
CA TYR B 187 -5.70 -32.96 24.98
C TYR B 187 -5.60 -34.04 26.04
N GLU B 188 -6.44 -35.07 25.94
CA GLU B 188 -6.47 -36.12 26.94
C GLU B 188 -5.26 -37.03 26.88
N LYS B 189 -4.41 -36.88 25.86
CA LYS B 189 -3.22 -37.73 25.75
C LYS B 189 -2.00 -37.18 26.47
N HIS B 190 -2.10 -36.03 27.12
CA HIS B 190 -0.95 -35.44 27.82
C HIS B 190 -1.39 -34.88 29.16
N LYS B 191 -0.40 -34.58 30.00
CA LYS B 191 -0.64 -34.16 31.38
C LYS B 191 -0.22 -32.71 31.65
N VAL B 192 1.01 -32.31 31.31
CA VAL B 192 1.55 -31.00 31.71
C VAL B 192 1.40 -30.01 30.58
N TYR B 193 0.61 -28.98 30.83
CA TYR B 193 0.41 -27.88 29.89
C TYR B 193 1.08 -26.65 30.48
N ALA B 194 1.95 -26.01 29.69
CA ALA B 194 2.85 -24.99 30.23
C ALA B 194 3.04 -23.85 29.25
N CYS B 195 3.01 -22.63 29.80
CA CYS B 195 3.21 -21.38 29.07
C CYS B 195 4.46 -20.72 29.63
N GLU B 196 5.50 -20.59 28.80
CA GLU B 196 6.79 -20.03 29.24
C GLU B 196 7.00 -18.67 28.59
N VAL B 197 7.21 -17.65 29.42
CA VAL B 197 7.18 -16.27 28.96
C VAL B 197 8.55 -15.64 29.18
N THR B 198 9.06 -15.02 28.13
CA THR B 198 10.33 -14.31 28.14
C THR B 198 10.08 -12.82 27.90
N HIS B 199 10.61 -11.97 28.76
CA HIS B 199 10.40 -10.53 28.67
C HIS B 199 11.56 -9.82 29.36
N GLN B 200 11.83 -8.61 28.90
CA GLN B 200 12.96 -7.86 29.42
C GLN B 200 12.82 -7.56 30.91
N GLY B 201 11.59 -7.44 31.40
CA GLY B 201 11.42 -7.19 32.81
C GLY B 201 11.50 -8.40 33.71
N LEU B 202 11.72 -9.59 33.16
CA LEU B 202 11.85 -10.80 33.96
C LEU B 202 13.31 -11.20 34.00
N SER B 203 13.81 -11.49 35.21
CA SER B 203 15.22 -11.88 35.38
C SER B 203 15.52 -13.16 34.61
N SER B 204 14.60 -14.10 34.63
CA SER B 204 14.64 -15.35 33.88
C SER B 204 13.23 -15.65 33.40
N PRO B 205 13.08 -16.50 32.38
CA PRO B 205 11.74 -16.79 31.86
C PRO B 205 10.84 -17.37 32.94
N VAL B 206 9.56 -17.05 32.86
CA VAL B 206 8.58 -17.42 33.87
C VAL B 206 7.59 -18.43 33.27
N THR B 207 7.43 -19.57 33.93
CA THR B 207 6.53 -20.62 33.46
C THR B 207 5.29 -20.71 34.36
N LYS B 208 4.12 -20.67 33.74
CA LYS B 208 2.86 -20.98 34.41
C LYS B 208 2.28 -22.26 33.79
N SER B 209 1.93 -23.21 34.63
CA SER B 209 1.52 -24.50 34.10
C SER B 209 0.41 -25.07 34.98
N PHE B 210 -0.26 -26.08 34.44
CA PHE B 210 -1.18 -26.89 35.21
C PHE B 210 -1.03 -28.34 34.77
N ASN B 211 -1.47 -29.25 35.62
CA ASN B 211 -1.57 -30.67 35.31
C ASN B 211 -3.02 -31.02 35.02
N ARG B 212 -3.26 -31.60 33.83
CA ARG B 212 -4.62 -31.89 33.38
C ARG B 212 -5.33 -32.82 34.37
N GLY B 213 -6.58 -32.50 34.69
CA GLY B 213 -7.38 -33.33 35.57
C GLY B 213 -7.08 -33.20 37.05
N GLU B 214 -6.42 -32.14 37.48
CA GLU B 214 -6.08 -31.96 38.90
C GLU B 214 -6.35 -30.51 39.29
N CYS B 215 -7.36 -30.31 40.14
CA CYS B 215 -7.83 -28.99 40.54
C CYS B 215 -6.74 -28.17 41.20
N THR C 15 26.58 8.04 -51.33
CA THR C 15 27.18 9.11 -52.12
C THR C 15 26.51 10.45 -51.82
N ASN C 16 25.24 10.39 -51.45
CA ASN C 16 24.42 11.55 -51.07
C ASN C 16 23.66 11.21 -49.78
N LEU C 17 24.41 10.73 -48.78
CA LEU C 17 23.86 10.17 -47.55
C LEU C 17 22.76 11.06 -46.97
N CYS C 18 21.78 10.40 -46.37
CA CYS C 18 20.75 11.10 -45.63
C CYS C 18 21.34 11.69 -44.35
N PRO C 19 20.80 12.79 -43.86
CA PRO C 19 21.30 13.42 -42.64
C PRO C 19 20.92 12.70 -41.34
N PHE C 20 21.04 11.37 -41.35
CA PHE C 20 20.81 10.62 -40.12
C PHE C 20 21.83 10.99 -39.06
N ASP C 21 22.99 11.47 -39.50
CA ASP C 21 24.07 11.83 -38.59
C ASP C 21 23.63 12.94 -37.63
N GLU C 22 23.03 14.00 -38.16
CA GLU C 22 22.66 15.06 -37.25
C GLU C 22 21.43 14.71 -36.41
N VAL C 23 20.84 13.54 -36.61
CA VAL C 23 19.68 13.17 -35.82
C VAL C 23 20.12 12.26 -34.67
N PHE C 24 20.76 11.15 -35.01
CA PHE C 24 21.12 10.18 -33.97
C PHE C 24 22.26 10.69 -33.10
N ASN C 25 23.15 11.51 -33.65
CA ASN C 25 24.34 11.99 -32.95
C ASN C 25 24.24 13.47 -32.60
N ALA C 26 23.04 14.02 -32.54
CA ALA C 26 22.86 15.41 -32.14
C ALA C 26 23.36 15.65 -30.72
N THR C 27 24.03 16.78 -30.52
CA THR C 27 24.52 17.11 -29.18
C THR C 27 23.37 17.29 -28.20
N ARG C 28 22.34 18.01 -28.61
CA ARG C 28 21.16 18.26 -27.79
C ARG C 28 19.97 17.48 -28.33
N PHE C 29 19.21 16.87 -27.43
CA PHE C 29 17.93 16.28 -27.79
C PHE C 29 16.80 17.13 -27.22
N ALA C 30 15.62 16.99 -27.81
CA ALA C 30 14.43 17.68 -27.33
C ALA C 30 13.81 16.98 -26.12
N SER C 31 13.13 17.77 -25.29
CA SER C 31 12.14 17.22 -24.36
C SER C 31 11.02 16.52 -25.12
N VAL C 32 10.53 15.41 -24.54
CA VAL C 32 9.53 14.59 -25.22
C VAL C 32 8.28 15.40 -25.57
N TYR C 33 7.78 16.24 -24.65
CA TYR C 33 6.54 16.95 -24.92
C TYR C 33 6.67 17.89 -26.11
N ALA C 34 7.89 18.33 -26.39
CA ALA C 34 8.17 19.20 -27.52
C ALA C 34 9.04 18.45 -28.52
N TRP C 35 8.69 17.19 -28.79
CA TRP C 35 9.53 16.30 -29.57
C TRP C 35 9.91 16.91 -30.92
N ASN C 36 11.12 16.56 -31.39
CA ASN C 36 11.64 17.09 -32.64
C ASN C 36 11.23 16.23 -33.83
N ARG C 37 10.95 16.88 -34.97
CA ARG C 37 10.67 16.19 -36.23
C ARG C 37 11.57 16.73 -37.32
N LYS C 38 12.29 15.83 -37.98
CA LYS C 38 13.08 16.17 -39.14
C LYS C 38 12.57 15.41 -40.36
N ARG C 39 12.30 16.14 -41.44
CA ARG C 39 12.00 15.54 -42.72
C ARG C 39 13.27 14.95 -43.33
N ILE C 40 13.11 13.89 -44.11
CA ILE C 40 14.23 13.25 -44.78
C ILE C 40 13.75 12.80 -46.14
N SER C 41 14.37 13.35 -47.19
CA SER C 41 13.98 13.11 -48.56
C SER C 41 15.18 13.40 -49.45
N ASN C 42 15.12 12.93 -50.69
CA ASN C 42 16.13 13.22 -51.70
C ASN C 42 17.52 12.88 -51.20
N CYS C 43 17.67 11.67 -50.66
CA CYS C 43 18.96 11.29 -50.12
C CYS C 43 19.05 9.78 -50.06
N VAL C 44 20.29 9.30 -50.00
CA VAL C 44 20.56 7.87 -49.93
C VAL C 44 20.68 7.47 -48.47
N ALA C 45 19.82 6.57 -48.05
CA ALA C 45 19.67 6.23 -46.64
C ALA C 45 20.35 4.90 -46.35
N ASP C 46 21.29 4.95 -45.46
CA ASP C 46 21.97 3.78 -45.08
C ASP C 46 21.62 3.47 -43.65
N TYR C 47 20.78 2.48 -43.47
CA TYR C 47 20.30 2.18 -42.14
C TYR C 47 21.25 1.31 -41.34
N SER C 48 22.44 1.04 -41.86
CA SER C 48 23.39 0.19 -41.14
C SER C 48 24.31 0.98 -40.21
N VAL C 49 24.43 2.29 -40.40
CA VAL C 49 25.25 3.10 -39.49
C VAL C 49 24.61 3.26 -38.12
N LEU C 50 23.34 2.85 -37.99
CA LEU C 50 22.52 3.31 -36.87
C LEU C 50 23.06 2.87 -35.52
N TYR C 51 23.61 1.65 -35.43
CA TYR C 51 24.09 1.17 -34.14
C TYR C 51 25.26 2.03 -33.65
N ASN C 52 25.25 2.36 -32.35
CA ASN C 52 26.17 3.34 -31.79
C ASN C 52 26.81 2.87 -30.49
N LEU C 53 26.88 1.56 -30.25
CA LEU C 53 27.54 1.00 -29.07
C LEU C 53 26.92 1.48 -27.76
N ALA C 54 25.61 1.61 -27.75
CA ALA C 54 25.14 2.20 -26.50
C ALA C 54 24.70 1.13 -25.50
N PRO C 55 24.78 1.44 -24.21
CA PRO C 55 24.64 0.37 -23.20
C PRO C 55 23.30 -0.37 -23.22
N PHE C 56 22.23 0.22 -23.73
CA PHE C 56 20.95 -0.49 -23.78
C PHE C 56 20.28 -0.28 -25.14
N PHE C 57 21.03 -0.53 -26.21
CA PHE C 57 20.51 -0.29 -27.55
C PHE C 57 19.27 -1.13 -27.84
N THR C 58 18.30 -0.52 -28.52
CA THR C 58 17.04 -1.14 -28.88
C THR C 58 16.64 -0.67 -30.27
N PHE C 59 16.18 -1.62 -31.10
CA PHE C 59 15.89 -1.37 -32.50
C PHE C 59 14.72 -2.27 -32.92
N LYS C 60 13.50 -1.73 -32.94
CA LYS C 60 12.34 -2.50 -33.34
C LYS C 60 11.65 -1.87 -34.54
N CYS C 61 11.12 -2.70 -35.42
CA CYS C 61 10.46 -2.18 -36.61
C CYS C 61 9.05 -2.76 -36.73
N TYR C 62 8.22 -2.05 -37.48
CA TYR C 62 6.81 -2.38 -37.61
C TYR C 62 6.39 -2.26 -39.08
N GLY C 63 5.69 -3.27 -39.56
CA GLY C 63 5.25 -3.28 -40.95
C GLY C 63 6.37 -3.37 -41.95
N VAL C 64 7.59 -3.67 -41.51
CA VAL C 64 8.76 -3.62 -42.38
C VAL C 64 9.84 -4.46 -41.71
N SER C 65 10.76 -4.99 -42.51
CA SER C 65 11.76 -5.85 -41.88
C SER C 65 13.04 -5.07 -41.61
N PRO C 66 13.56 -5.16 -40.39
CA PRO C 66 14.79 -4.39 -40.07
C PRO C 66 16.00 -4.85 -40.88
N THR C 67 16.02 -6.10 -41.32
CA THR C 67 17.18 -6.65 -42.00
C THR C 67 17.27 -6.16 -43.44
N LYS C 68 16.14 -6.00 -44.13
CA LYS C 68 16.10 -5.65 -45.54
C LYS C 68 15.84 -4.17 -45.77
N LEU C 69 15.98 -3.33 -44.74
CA LEU C 69 15.64 -1.91 -44.86
C LEU C 69 16.43 -1.24 -45.96
N ASN C 70 17.65 -1.68 -46.22
CA ASN C 70 18.52 -1.04 -47.19
C ASN C 70 18.08 -1.26 -48.62
N ASP C 71 17.11 -2.15 -48.86
CA ASP C 71 16.61 -2.44 -50.19
C ASP C 71 15.42 -1.58 -50.59
N LEU C 72 14.77 -0.94 -49.63
CA LEU C 72 13.48 -0.30 -49.86
C LEU C 72 13.61 1.18 -50.19
N CYS C 73 12.58 1.67 -50.88
CA CYS C 73 12.40 3.09 -51.15
C CYS C 73 11.11 3.57 -50.50
N PHE C 74 11.09 4.86 -50.17
CA PHE C 74 9.91 5.47 -49.59
C PHE C 74 9.73 6.85 -50.20
N THR C 75 8.52 7.40 -50.08
CA THR C 75 8.26 8.75 -50.58
C THR C 75 8.95 9.79 -49.71
N ASN C 76 8.73 9.72 -48.40
CA ASN C 76 9.43 10.57 -47.42
C ASN C 76 9.66 9.79 -46.14
N VAL C 77 10.62 10.23 -45.35
CA VAL C 77 10.92 9.62 -44.07
C VAL C 77 10.88 10.70 -43.01
N TYR C 78 10.35 10.38 -41.83
CA TYR C 78 10.34 11.32 -40.73
C TYR C 78 11.17 10.74 -39.58
N ALA C 79 12.04 11.56 -39.01
CA ALA C 79 12.80 11.19 -37.82
C ALA C 79 12.38 12.09 -36.67
N ASP C 80 11.63 11.54 -35.72
CA ASP C 80 11.24 12.23 -34.50
C ASP C 80 12.21 11.84 -33.37
N SER C 81 12.60 12.80 -32.52
CA SER C 81 13.61 12.51 -31.51
C SER C 81 13.30 13.21 -30.20
N PHE C 82 13.64 12.53 -29.10
CA PHE C 82 13.35 13.07 -27.76
C PHE C 82 14.04 12.22 -26.69
N VAL C 83 13.86 12.61 -25.44
CA VAL C 83 14.45 11.95 -24.28
C VAL C 83 13.35 11.58 -23.29
N ILE C 84 13.44 10.37 -22.71
CA ILE C 84 12.47 9.91 -21.71
C ILE C 84 13.20 9.07 -20.66
N ARG C 85 12.46 8.59 -19.68
CA ARG C 85 12.94 7.65 -18.67
C ARG C 85 13.07 6.24 -19.27
N GLY C 86 13.95 5.43 -18.67
CA GLY C 86 14.08 4.04 -19.11
C GLY C 86 12.78 3.26 -19.00
N ASP C 87 12.10 3.39 -17.87
CA ASP C 87 10.85 2.65 -17.70
C ASP C 87 9.79 3.08 -18.70
N GLU C 88 9.98 4.21 -19.37
CA GLU C 88 9.02 4.69 -20.34
C GLU C 88 9.27 4.23 -21.77
N VAL C 89 10.43 3.63 -22.05
CA VAL C 89 10.75 3.30 -23.44
C VAL C 89 9.71 2.35 -24.02
N ARG C 90 9.06 1.54 -23.18
CA ARG C 90 8.06 0.59 -23.68
C ARG C 90 6.81 1.28 -24.24
N GLN C 91 6.58 2.54 -23.87
CA GLN C 91 5.40 3.25 -24.39
C GLN C 91 5.56 3.67 -25.85
N ILE C 92 6.77 3.69 -26.38
CA ILE C 92 6.98 4.14 -27.76
C ILE C 92 6.85 2.90 -28.64
N ALA C 93 5.60 2.52 -28.87
CA ALA C 93 5.23 1.35 -29.63
C ALA C 93 3.75 1.46 -29.97
N PRO C 94 3.31 0.93 -31.13
CA PRO C 94 1.87 0.96 -31.44
C PRO C 94 1.05 0.19 -30.41
N GLY C 95 -0.11 0.74 -30.07
CA GLY C 95 -1.02 0.10 -29.14
C GLY C 95 -0.77 0.37 -27.67
N GLN C 96 0.21 1.21 -27.34
CA GLN C 96 0.57 1.40 -25.94
C GLN C 96 -0.19 2.57 -25.35
N THR C 97 -0.35 2.53 -24.04
CA THR C 97 -0.87 3.65 -23.27
C THR C 97 0.06 3.92 -22.11
N GLY C 98 -0.18 5.03 -21.41
CA GLY C 98 0.72 5.47 -20.38
C GLY C 98 0.95 6.97 -20.50
N ASN C 99 1.59 7.57 -19.50
CA ASN C 99 1.73 9.02 -19.48
C ASN C 99 2.44 9.56 -20.72
N ILE C 100 3.41 8.81 -21.27
CA ILE C 100 4.11 9.29 -22.45
C ILE C 100 3.27 9.12 -23.71
N ALA C 101 2.80 7.90 -23.97
CA ALA C 101 1.97 7.67 -25.16
C ALA C 101 0.68 8.51 -25.15
N ASP C 102 0.11 8.77 -23.97
CA ASP C 102 -1.17 9.47 -23.94
C ASP C 102 -0.98 10.98 -24.07
N TYR C 103 0.05 11.53 -23.43
CA TYR C 103 0.11 12.96 -23.29
C TYR C 103 1.35 13.61 -23.88
N ASN C 104 2.31 12.85 -24.36
CA ASN C 104 3.52 13.44 -24.93
C ASN C 104 3.78 13.02 -26.37
N TYR C 105 3.89 11.72 -26.67
CA TYR C 105 4.19 11.28 -28.03
C TYR C 105 3.43 10.00 -28.33
N LYS C 106 2.57 10.02 -29.35
CA LYS C 106 1.66 8.92 -29.62
C LYS C 106 1.91 8.35 -31.02
N LEU C 107 2.14 7.04 -31.09
CA LEU C 107 2.30 6.29 -32.34
C LEU C 107 0.95 5.70 -32.79
N PRO C 108 0.70 5.65 -34.09
CA PRO C 108 -0.56 5.05 -34.57
C PRO C 108 -0.57 3.54 -34.41
N ASP C 109 -1.78 2.97 -34.39
CA ASP C 109 -1.86 1.51 -34.28
C ASP C 109 -1.32 0.83 -35.54
N ASP C 110 -1.46 1.45 -36.70
CA ASP C 110 -1.02 0.89 -37.98
C ASP C 110 0.33 1.45 -38.40
N PHE C 111 1.20 1.70 -37.44
CA PHE C 111 2.48 2.36 -37.68
C PHE C 111 3.39 1.52 -38.57
N THR C 112 4.03 2.17 -39.54
CA THR C 112 5.06 1.56 -40.36
C THR C 112 6.35 2.35 -40.18
N GLY C 113 7.32 1.73 -39.53
CA GLY C 113 8.57 2.41 -39.23
C GLY C 113 9.31 1.68 -38.14
N CYS C 114 10.25 2.40 -37.52
CA CYS C 114 11.20 1.81 -36.59
C CYS C 114 11.38 2.74 -35.40
N VAL C 115 11.73 2.13 -34.27
CA VAL C 115 11.94 2.80 -32.99
C VAL C 115 13.32 2.40 -32.50
N ILE C 116 14.20 3.38 -32.29
CA ILE C 116 15.57 3.18 -31.83
C ILE C 116 15.75 3.92 -30.52
N ALA C 117 16.19 3.23 -29.49
CA ALA C 117 16.36 3.85 -28.18
C ALA C 117 17.66 3.38 -27.54
N TRP C 118 18.29 4.26 -26.76
CA TRP C 118 19.51 3.87 -26.07
C TRP C 118 19.71 4.66 -24.77
N ASN C 119 20.41 4.03 -23.83
CA ASN C 119 20.71 4.65 -22.55
C ASN C 119 21.72 5.79 -22.75
N SER C 120 21.36 6.99 -22.28
CA SER C 120 22.18 8.18 -22.42
C SER C 120 22.59 8.73 -21.06
N ASN C 121 22.79 7.84 -20.09
CA ASN C 121 23.17 8.29 -18.75
C ASN C 121 24.46 9.10 -18.77
N LYS C 122 25.39 8.77 -19.67
CA LYS C 122 26.66 9.50 -19.76
C LYS C 122 26.43 10.98 -20.08
N LEU C 123 25.56 11.26 -21.04
CA LEU C 123 25.34 12.64 -21.46
C LEU C 123 24.31 13.36 -20.61
N ASP C 124 23.13 12.77 -20.44
CA ASP C 124 21.99 13.55 -20.01
C ASP C 124 21.82 13.58 -18.49
N SER C 125 22.64 12.85 -17.73
CA SER C 125 22.68 13.00 -16.29
C SER C 125 23.90 13.80 -15.87
N LYS C 126 23.83 14.32 -14.66
CA LYS C 126 25.01 14.87 -14.03
C LYS C 126 24.83 14.77 -12.52
N VAL C 127 25.96 14.71 -11.83
CA VAL C 127 25.93 14.88 -10.39
C VAL C 127 25.40 16.27 -10.12
N SER C 128 24.49 16.37 -9.14
CA SER C 128 23.64 17.51 -8.81
C SER C 128 22.39 17.58 -9.67
N GLY C 129 22.24 16.73 -10.68
CA GLY C 129 20.98 16.64 -11.40
C GLY C 129 20.83 17.52 -12.63
N ASN C 130 20.32 16.92 -13.71
CA ASN C 130 19.92 17.63 -14.92
C ASN C 130 18.40 17.75 -14.92
N TYR C 131 17.89 18.98 -14.90
CA TYR C 131 16.45 19.23 -14.86
C TYR C 131 15.94 19.83 -16.16
N ASN C 132 16.77 19.88 -17.21
CA ASN C 132 16.40 20.56 -18.43
C ASN C 132 15.38 19.78 -19.27
N TYR C 133 15.18 18.49 -19.02
CA TYR C 133 14.24 17.69 -19.82
C TYR C 133 12.88 17.60 -19.13
N LEU C 134 11.82 17.87 -19.89
CA LEU C 134 10.47 18.00 -19.37
C LEU C 134 9.52 17.01 -20.04
N TYR C 135 8.42 16.70 -19.33
CA TYR C 135 7.35 15.90 -19.87
C TYR C 135 6.03 16.50 -19.38
N ARG C 136 4.96 16.27 -20.15
CA ARG C 136 3.62 16.69 -19.75
C ARG C 136 3.04 15.65 -18.79
N LEU C 137 2.65 16.10 -17.60
CA LEU C 137 2.05 15.21 -16.62
C LEU C 137 0.52 15.25 -16.62
N PHE C 138 -0.07 16.40 -16.90
CA PHE C 138 -1.52 16.58 -16.87
C PHE C 138 -2.04 16.96 -18.26
N ARG C 139 -3.05 16.22 -18.72
CA ARG C 139 -3.77 16.55 -19.94
C ARG C 139 -5.16 15.92 -19.87
N LYS C 140 -6.16 16.68 -20.29
CA LYS C 140 -7.53 16.21 -20.20
C LYS C 140 -7.87 15.08 -21.17
N SER C 141 -7.14 14.94 -22.28
CA SER C 141 -7.49 13.86 -23.20
C SER C 141 -6.25 13.38 -23.95
N ASN C 142 -6.35 12.19 -24.53
CA ASN C 142 -5.23 11.55 -25.22
C ASN C 142 -4.83 12.29 -26.47
N LEU C 143 -3.53 12.26 -26.76
CA LEU C 143 -3.02 12.81 -28.00
C LEU C 143 -3.43 11.92 -29.19
N LYS C 144 -3.69 12.55 -30.32
CA LYS C 144 -3.77 11.82 -31.57
C LYS C 144 -2.38 11.39 -32.00
N PRO C 145 -2.27 10.37 -32.86
CA PRO C 145 -0.95 9.95 -33.35
C PRO C 145 -0.26 11.14 -34.01
N PHE C 146 1.02 11.32 -33.66
CA PHE C 146 1.86 12.36 -34.23
C PHE C 146 1.36 13.77 -33.87
N GLU C 147 0.63 13.90 -32.77
CA GLU C 147 0.28 15.21 -32.22
C GLU C 147 1.39 15.74 -31.30
N ARG C 148 1.63 17.05 -31.37
N ARG C 148 1.64 17.04 -31.38
CA ARG C 148 2.60 17.72 -30.50
CA ARG C 148 2.59 17.74 -30.52
C ARG C 148 1.88 18.87 -29.80
C ARG C 148 1.85 18.86 -29.79
N ASP C 149 1.90 18.84 -28.47
CA ASP C 149 1.21 19.81 -27.62
C ASP C 149 2.26 20.51 -26.78
N ILE C 150 2.37 21.83 -26.95
CA ILE C 150 3.43 22.54 -26.27
C ILE C 150 2.88 23.64 -25.36
N SER C 151 1.58 23.58 -25.04
CA SER C 151 1.00 24.64 -24.25
C SER C 151 1.42 24.52 -22.79
N THR C 152 1.36 25.64 -22.07
CA THR C 152 1.78 25.72 -20.67
C THR C 152 0.71 26.34 -19.80
N GLU C 153 -0.55 26.13 -20.19
CA GLU C 153 -1.67 26.63 -19.42
C GLU C 153 -1.81 25.86 -18.11
N ILE C 154 -2.19 26.57 -17.04
CA ILE C 154 -2.35 25.91 -15.75
C ILE C 154 -3.49 24.90 -15.82
N TYR C 155 -3.25 23.69 -15.33
CA TYR C 155 -4.20 22.60 -15.48
C TYR C 155 -5.26 22.68 -14.40
N GLN C 156 -6.53 22.75 -14.79
CA GLN C 156 -7.66 22.87 -13.86
C GLN C 156 -8.21 21.49 -13.52
N ALA C 157 -7.93 21.03 -12.29
CA ALA C 157 -8.36 19.72 -11.83
C ALA C 157 -9.66 19.77 -11.03
N GLY C 158 -10.28 20.94 -10.87
CA GLY C 158 -11.54 21.06 -10.15
C GLY C 158 -12.48 22.12 -10.69
N ASN C 159 -13.41 22.55 -9.85
CA ASN C 159 -14.46 23.48 -10.28
C ASN C 159 -13.94 24.90 -10.46
N LYS C 160 -13.07 25.36 -9.56
CA LYS C 160 -12.69 26.76 -9.57
C LYS C 160 -11.71 27.03 -10.70
N PRO C 161 -11.88 28.13 -11.43
CA PRO C 161 -10.95 28.47 -12.51
C PRO C 161 -9.58 28.80 -11.94
N CYS C 162 -8.55 28.50 -12.73
CA CYS C 162 -7.18 28.68 -12.26
C CYS C 162 -6.65 30.10 -12.48
N ASN C 163 -7.15 30.81 -13.49
CA ASN C 163 -6.76 32.19 -13.76
C ASN C 163 -5.24 32.35 -13.85
N GLY C 164 -4.53 31.36 -14.36
CA GLY C 164 -3.12 31.49 -14.63
C GLY C 164 -2.20 31.36 -13.44
N VAL C 165 -2.71 30.95 -12.27
CA VAL C 165 -1.93 30.86 -11.05
C VAL C 165 -2.03 29.45 -10.51
N ALA C 166 -0.88 28.86 -10.20
CA ALA C 166 -0.86 27.52 -9.64
C ALA C 166 -1.35 27.53 -8.20
N GLY C 167 -1.97 26.44 -7.81
CA GLY C 167 -2.46 26.32 -6.45
C GLY C 167 -3.20 25.02 -6.31
N PHE C 168 -4.06 24.94 -5.30
CA PHE C 168 -4.87 23.74 -5.14
C PHE C 168 -5.73 23.57 -6.37
N ASN C 169 -5.80 22.33 -6.88
CA ASN C 169 -6.54 21.97 -8.08
C ASN C 169 -6.09 22.79 -9.30
N CYS C 170 -4.88 23.35 -9.27
CA CYS C 170 -4.39 24.22 -10.33
C CYS C 170 -2.89 23.94 -10.51
N TYR C 171 -2.55 23.07 -11.47
CA TYR C 171 -1.19 22.55 -11.55
C TYR C 171 -0.51 22.93 -12.86
N PHE C 172 0.75 23.33 -12.76
CA PHE C 172 1.54 23.52 -13.95
C PHE C 172 1.67 22.17 -14.63
N PRO C 173 1.32 22.04 -15.91
CA PRO C 173 1.15 20.70 -16.49
C PRO C 173 2.45 20.02 -16.83
N LEU C 174 3.55 20.74 -16.97
CA LEU C 174 4.84 20.14 -17.29
C LEU C 174 5.66 19.94 -16.02
N ARG C 175 6.41 18.86 -16.00
CA ARG C 175 7.34 18.59 -14.91
C ARG C 175 8.69 18.23 -15.51
N SER C 176 9.73 18.52 -14.76
CA SER C 176 11.08 18.21 -15.20
C SER C 176 11.48 16.83 -14.70
N TYR C 177 12.14 16.07 -15.57
CA TYR C 177 12.89 14.90 -15.14
C TYR C 177 14.07 15.31 -14.24
N SER C 178 14.43 14.45 -13.31
CA SER C 178 15.64 14.62 -12.50
C SER C 178 16.60 13.49 -12.90
N PHE C 179 17.66 13.83 -13.60
CA PHE C 179 18.62 12.83 -14.06
C PHE C 179 19.93 13.00 -13.29
N ARG C 180 20.29 11.97 -12.52
CA ARG C 180 21.56 11.81 -11.83
C ARG C 180 22.13 10.45 -12.15
N PRO C 181 23.47 10.34 -12.27
CA PRO C 181 24.06 9.07 -12.77
C PRO C 181 23.79 7.88 -11.87
N THR C 182 23.58 8.09 -10.58
CA THR C 182 23.42 6.99 -9.64
C THR C 182 21.98 6.53 -9.46
N TYR C 183 21.00 7.17 -10.13
CA TYR C 183 19.64 6.65 -10.10
C TYR C 183 19.60 5.29 -10.83
N GLY C 184 18.57 4.51 -10.53
CA GLY C 184 18.41 3.24 -11.21
C GLY C 184 18.07 3.38 -12.68
N VAL C 185 18.33 2.30 -13.42
CA VAL C 185 18.22 2.31 -14.88
C VAL C 185 16.83 2.69 -15.35
N GLY C 186 15.81 2.29 -14.61
CA GLY C 186 14.46 2.74 -14.94
C GLY C 186 14.28 4.23 -14.83
N HIS C 187 15.12 4.90 -14.04
CA HIS C 187 15.05 6.34 -13.91
C HIS C 187 16.21 7.04 -14.61
N GLN C 188 16.99 6.33 -15.37
CA GLN C 188 18.06 6.93 -16.15
C GLN C 188 17.51 7.45 -17.48
N PRO C 189 18.17 8.45 -18.09
CA PRO C 189 17.68 9.00 -19.37
C PRO C 189 17.97 8.10 -20.57
N TYR C 190 17.02 8.06 -21.48
CA TYR C 190 17.14 7.33 -22.73
C TYR C 190 16.80 8.25 -23.88
N ARG C 191 17.59 8.15 -24.95
CA ARG C 191 17.40 8.91 -26.17
C ARG C 191 16.68 8.04 -27.20
N VAL C 192 15.69 8.62 -27.89
CA VAL C 192 14.79 7.90 -28.78
C VAL C 192 14.72 8.62 -30.13
N VAL C 193 14.81 7.82 -31.20
CA VAL C 193 14.53 8.25 -32.57
C VAL C 193 13.46 7.33 -33.16
N VAL C 194 12.43 7.93 -33.73
CA VAL C 194 11.35 7.20 -34.41
C VAL C 194 11.42 7.55 -35.89
N LEU C 195 11.55 6.52 -36.73
CA LEU C 195 11.57 6.67 -38.17
C LEU C 195 10.24 6.18 -38.73
N SER C 196 9.53 7.07 -39.43
CA SER C 196 8.27 6.75 -40.07
C SER C 196 8.46 6.77 -41.58
N PHE C 197 7.93 5.76 -42.25
CA PHE C 197 8.09 5.60 -43.69
C PHE C 197 6.75 5.86 -44.36
N GLU C 198 6.72 6.81 -45.31
CA GLU C 198 5.49 7.25 -45.98
C GLU C 198 5.45 6.68 -47.39
N LEU C 199 4.30 6.11 -47.80
CA LEU C 199 4.08 5.76 -49.20
C LEU C 199 2.96 6.61 -49.78
N LEU C 200 3.27 7.33 -50.84
CA LEU C 200 2.26 8.04 -51.58
C LEU C 200 2.26 7.54 -53.02
N HIS C 201 1.38 8.11 -53.82
CA HIS C 201 1.42 7.87 -55.26
C HIS C 201 2.30 8.91 -55.92
N ALA C 202 3.53 8.98 -55.42
CA ALA C 202 4.45 10.06 -55.72
C ALA C 202 5.85 9.48 -55.87
N PRO C 203 6.78 10.25 -56.46
CA PRO C 203 8.15 9.75 -56.59
C PRO C 203 8.76 9.40 -55.23
N ALA C 204 9.49 8.28 -55.19
CA ALA C 204 10.28 7.93 -54.03
C ALA C 204 11.53 8.79 -54.00
N THR C 205 11.90 9.25 -52.81
CA THR C 205 13.12 10.05 -52.68
C THR C 205 13.98 9.63 -51.52
N VAL C 206 13.71 8.47 -50.90
CA VAL C 206 14.58 7.90 -49.87
C VAL C 206 14.78 6.42 -50.22
N CYS C 207 15.86 6.14 -50.94
CA CYS C 207 16.24 4.79 -51.34
C CYS C 207 17.56 4.37 -50.69
N GLY C 208 17.63 3.11 -50.27
CA GLY C 208 18.86 2.53 -49.77
C GLY C 208 19.69 1.91 -50.89
#